data_5T5U
#
_entry.id   5T5U
#
_cell.length_a   51.035
_cell.length_b   58.403
_cell.length_c   152.635
_cell.angle_alpha   90.00
_cell.angle_beta   90.00
_cell.angle_gamma   90.00
#
_symmetry.space_group_name_H-M   'P 21 21 21'
#
loop_
_entity.id
_entity.type
_entity.pdbx_description
1 polymer 'Glycylpeptide N-tetradecanoyltransferase'
2 non-polymer TETRADECANOYL-COA
3 non-polymer "2-methyl-3-({[3'-(piperidin-4-yl)[1,1'-biphenyl]-4-yl]oxy}methyl)pyridine"
4 water water
#
_entity_poly.entity_id   1
_entity_poly.type   'polypeptide(L)'
_entity_poly.pdbx_seq_one_letter_code
;GPRSQTQPVPRFDETSTDTGGPIKIIDPEKVSKEPDALLEGFEWATLDLTNETELQELWDLLTYHYVEDDNAMFRFRYSQ
SFLHWALMSPGWKKEWHVGVRATKSRKLVASICGVPTEINVRNQKLKVVEINFLCIHKKLRSKRLTPVLIKEITRRCYLN
GIYQAIYTAGVVLPTPVSSCRYYHRPLDWLKLYEVGFSPLPAGSTKARQITKNHLPSTTSTPGLRPMEPKDIDTVHDLLQ
RYLSRFALNQAFTREEVDHWLVHKPETVKEQVVWAYVVEDPETHKITDFFSFYNLESTVIQNPKHDNVRAAYLYYYATET
AFTNNMKALKERLLMLMNDALILAKKAHFDVFNALTLHDNPLFLEQLKFGAGDGQLHFYLYNYRTAPVPGGVNEKNLPDE
KRMGGVGIVML
;
_entity_poly.pdbx_strand_id   A
#
loop_
_chem_comp.id
_chem_comp.type
_chem_comp.name
_chem_comp.formula
75T non-polymer 2-methyl-3-({[3'-(piperidin-4-yl)[1,1'-biphenyl]-4-yl]oxy}methyl)pyridine 'C24 H26 N2 O'
MYA non-polymer TETRADECANOYL-COA 'C35 H62 N7 O17 P3 S'
#
# COMPACT_ATOMS: atom_id res chain seq x y z
N GLY A 20 -16.81 19.95 3.55
CA GLY A 20 -16.05 19.11 4.48
C GLY A 20 -15.11 19.89 5.38
N GLY A 21 -14.59 19.21 6.40
CA GLY A 21 -13.69 19.85 7.36
C GLY A 21 -13.46 18.97 8.58
N PRO A 22 -12.62 19.45 9.50
CA PRO A 22 -12.35 18.69 10.72
C PRO A 22 -13.58 18.54 11.57
N ILE A 23 -13.67 17.45 12.30
CA ILE A 23 -14.83 17.19 13.14
C ILE A 23 -14.75 17.94 14.46
N LYS A 24 -13.60 17.88 15.11
CA LYS A 24 -13.37 18.62 16.34
C LYS A 24 -11.99 19.31 16.34
N ILE A 25 -11.86 20.36 17.12
CA ILE A 25 -10.61 21.07 17.29
C ILE A 25 -9.98 20.55 18.56
N ILE A 26 -8.71 20.16 18.49
CA ILE A 26 -8.04 19.63 19.68
C ILE A 26 -7.39 20.76 20.47
N ASP A 27 -7.56 20.71 21.78
CA ASP A 27 -7.01 21.70 22.69
C ASP A 27 -5.55 21.28 23.03
N PRO A 28 -4.56 22.00 22.52
CA PRO A 28 -3.14 21.71 22.77
C PRO A 28 -2.75 21.78 24.25
N GLU A 29 -3.50 22.54 25.04
CA GLU A 29 -3.24 22.62 26.47
C GLU A 29 -3.69 21.37 27.24
N LYS A 30 -4.74 20.73 26.76
CA LYS A 30 -5.34 19.60 27.46
C LYS A 30 -4.77 18.23 27.06
N VAL A 31 -3.83 18.19 26.13
CA VAL A 31 -3.26 16.88 25.73
C VAL A 31 -2.47 16.31 26.87
N SER A 32 -2.83 15.10 27.30
CA SER A 32 -2.15 14.49 28.43
C SER A 32 -0.68 14.19 28.14
N LYS A 33 0.20 14.54 29.07
CA LYS A 33 1.62 14.21 28.97
C LYS A 33 1.94 12.77 29.39
N GLU A 34 0.98 12.11 30.02
CA GLU A 34 1.17 10.71 30.42
C GLU A 34 0.16 9.81 29.71
N PRO A 35 0.59 8.59 29.37
CA PRO A 35 -0.28 7.61 28.71
C PRO A 35 -1.27 6.96 29.66
N ASP A 36 -2.29 6.31 29.11
CA ASP A 36 -3.25 5.58 29.96
C ASP A 36 -2.60 4.28 30.48
N ALA A 37 -3.22 3.64 31.47
CA ALA A 37 -2.78 2.33 31.97
C ALA A 37 -3.01 1.22 30.97
N LEU A 38 -2.19 0.17 31.09
CA LEU A 38 -2.29 -1.03 30.25
C LEU A 38 -2.65 -2.21 31.10
N LEU A 39 -3.07 -3.30 30.46
CA LEU A 39 -3.23 -4.59 31.11
C LEU A 39 -2.08 -4.90 32.02
N GLU A 40 -2.40 -5.40 33.22
CA GLU A 40 -1.39 -5.83 34.17
C GLU A 40 -0.33 -6.69 33.51
N GLY A 41 0.95 -6.34 33.72
CA GLY A 41 2.07 -7.09 33.22
C GLY A 41 2.66 -6.54 31.93
N PHE A 42 2.08 -5.46 31.44
CA PHE A 42 2.56 -4.86 30.17
C PHE A 42 2.87 -3.38 30.28
N GLU A 43 3.67 -2.87 29.35
CA GLU A 43 4.07 -1.48 29.44
C GLU A 43 4.30 -0.89 28.04
N TRP A 44 4.13 0.43 27.95
CA TRP A 44 4.39 1.14 26.71
C TRP A 44 5.89 1.15 26.37
N ALA A 45 6.20 1.15 25.07
CA ALA A 45 7.58 1.20 24.64
C ALA A 45 7.71 1.74 23.25
N THR A 46 8.30 2.91 23.15
CA THR A 46 8.65 3.49 21.86
C THR A 46 9.68 2.60 21.20
N LEU A 47 9.48 2.29 19.91
CA LEU A 47 10.41 1.49 19.14
C LEU A 47 11.37 2.41 18.43
N ASP A 48 12.63 2.00 18.39
CA ASP A 48 13.65 2.69 17.64
C ASP A 48 14.07 1.81 16.47
N LEU A 49 13.55 2.10 15.30
CA LEU A 49 13.67 1.14 14.18
C LEU A 49 15.00 1.36 13.42
N THR A 50 15.82 2.30 13.90
CA THR A 50 17.21 2.40 13.46
C THR A 50 18.08 1.38 14.20
N ASN A 51 17.53 0.78 15.25
CA ASN A 51 18.21 -0.30 15.97
C ASN A 51 17.82 -1.65 15.37
N GLU A 52 18.81 -2.39 14.86
CA GLU A 52 18.49 -3.67 14.17
C GLU A 52 17.73 -4.68 15.02
N THR A 53 18.04 -4.74 16.31
CA THR A 53 17.34 -5.67 17.18
C THR A 53 15.86 -5.34 17.35
N GLU A 54 15.53 -4.05 17.39
CA GLU A 54 14.15 -3.62 17.56
C GLU A 54 13.38 -3.76 16.25
N LEU A 55 14.04 -3.52 15.12
CA LEU A 55 13.44 -3.80 13.81
C LEU A 55 13.13 -5.28 13.70
N GLN A 56 14.05 -6.11 14.18
CA GLN A 56 13.84 -7.55 14.18
C GLN A 56 12.68 -7.94 15.06
N GLU A 57 12.57 -7.32 16.23
CA GLU A 57 11.44 -7.56 17.13
C GLU A 57 10.09 -7.28 16.49
N LEU A 58 9.95 -6.12 15.82
CA LEU A 58 8.73 -5.81 15.10
C LEU A 58 8.47 -6.83 14.01
N TRP A 59 9.52 -7.20 13.26
CA TRP A 59 9.37 -8.19 12.20
C TRP A 59 8.92 -9.52 12.77
N ASP A 60 9.50 -9.93 13.89
CA ASP A 60 9.07 -11.17 14.54
C ASP A 60 7.57 -11.14 14.82
N LEU A 61 7.09 -10.05 15.42
CA LEU A 61 5.67 -9.94 15.76
C LEU A 61 4.78 -10.03 14.54
N LEU A 62 5.06 -9.17 13.55
CA LEU A 62 4.27 -9.12 12.32
C LEU A 62 4.27 -10.43 11.54
N THR A 63 5.43 -11.07 11.49
CA THR A 63 5.59 -12.28 10.71
C THR A 63 4.60 -13.35 11.14
N TYR A 64 4.35 -13.43 12.43
CA TYR A 64 3.54 -14.51 12.96
C TYR A 64 2.13 -14.08 13.39
N HIS A 65 1.87 -12.77 13.36
CA HIS A 65 0.60 -12.23 13.92
C HIS A 65 -0.11 -11.15 13.10
N TYR A 66 0.39 -10.83 11.90
CA TYR A 66 -0.28 -9.79 11.10
C TYR A 66 -1.40 -10.37 10.24
N VAL A 67 -1.92 -9.57 9.31
CA VAL A 67 -3.10 -9.89 8.55
C VAL A 67 -3.01 -11.21 7.76
N GLU A 68 -3.98 -12.08 8.00
CA GLU A 68 -4.19 -13.31 7.27
C GLU A 68 -5.48 -13.26 6.42
N ASP A 69 -5.62 -14.19 5.49
CA ASP A 69 -6.87 -14.36 4.74
C ASP A 69 -7.86 -15.05 5.63
N ASP A 70 -9.13 -15.15 5.19
CA ASP A 70 -10.18 -15.74 6.04
C ASP A 70 -10.08 -17.26 6.17
N ASN A 71 -9.34 -17.91 5.28
CA ASN A 71 -9.16 -19.37 5.35
C ASN A 71 -7.84 -19.81 6.04
N ALA A 72 -7.11 -18.83 6.60
CA ALA A 72 -5.83 -19.09 7.26
C ALA A 72 -4.82 -19.80 6.37
N MET A 73 -4.74 -19.38 5.11
CA MET A 73 -3.81 -19.97 4.18
C MET A 73 -2.58 -19.11 3.99
N PHE A 74 -2.76 -17.78 4.13
CA PHE A 74 -1.71 -16.82 3.86
C PHE A 74 -1.64 -15.74 4.95
N ARG A 75 -0.45 -15.23 5.19
CA ARG A 75 -0.26 -14.10 6.09
C ARG A 75 0.74 -13.12 5.45
N PHE A 76 0.39 -11.84 5.41
CA PHE A 76 1.32 -10.86 4.82
C PHE A 76 2.65 -10.95 5.54
N ARG A 77 3.74 -10.81 4.81
CA ARG A 77 5.09 -11.03 5.32
C ARG A 77 5.97 -9.84 4.94
N TYR A 78 5.71 -8.69 5.59
CA TYR A 78 6.52 -7.51 5.35
C TYR A 78 7.97 -7.78 5.69
N SER A 79 8.90 -7.42 4.80
CA SER A 79 10.34 -7.70 5.06
C SER A 79 10.90 -6.64 5.98
N GLN A 80 12.07 -6.90 6.56
CA GLN A 80 12.68 -5.87 7.39
C GLN A 80 13.04 -4.68 6.53
N SER A 81 13.47 -4.94 5.30
CA SER A 81 13.75 -3.85 4.37
C SER A 81 12.52 -3.03 4.06
N PHE A 82 11.40 -3.70 3.87
CA PHE A 82 10.11 -3.00 3.71
C PHE A 82 9.74 -2.13 4.92
N LEU A 83 9.82 -2.69 6.11
CA LEU A 83 9.51 -1.92 7.33
C LEU A 83 10.42 -0.69 7.48
N HIS A 84 11.70 -0.89 7.22
CA HIS A 84 12.67 0.22 7.24
C HIS A 84 12.23 1.33 6.29
N TRP A 85 11.81 0.94 5.11
CA TRP A 85 11.36 1.86 4.06
C TRP A 85 10.07 2.53 4.42
N ALA A 86 9.10 1.72 4.84
CA ALA A 86 7.73 2.20 5.08
C ALA A 86 7.64 3.10 6.29
N LEU A 87 8.49 2.86 7.30
CA LEU A 87 8.31 3.53 8.57
C LEU A 87 9.28 4.66 8.86
N MET A 88 10.34 4.81 8.03
CA MET A 88 11.27 5.92 8.24
C MET A 88 11.32 6.82 7.00
N SER A 89 10.12 7.14 6.54
CA SER A 89 9.90 8.03 5.41
C SER A 89 10.11 9.49 5.83
N PRO A 90 10.11 10.44 4.87
CA PRO A 90 10.41 11.81 5.27
C PRO A 90 9.47 12.36 6.35
N GLY A 91 10.06 12.92 7.39
CA GLY A 91 9.30 13.51 8.47
C GLY A 91 9.04 12.58 9.63
N TRP A 92 9.46 11.32 9.50
CA TRP A 92 9.13 10.33 10.51
C TRP A 92 9.66 10.68 11.91
N LYS A 93 9.00 10.16 12.94
CA LYS A 93 9.31 10.39 14.35
C LYS A 93 9.24 9.04 15.05
N LYS A 94 10.21 8.72 15.88
CA LYS A 94 10.16 7.43 16.55
C LYS A 94 8.99 7.37 17.53
N GLU A 95 8.55 8.52 18.03
CA GLU A 95 7.41 8.61 18.94
C GLU A 95 6.12 8.00 18.34
N TRP A 96 6.08 7.89 17.01
CA TRP A 96 4.92 7.34 16.33
C TRP A 96 5.08 5.86 16.00
N HIS A 97 6.13 5.24 16.51
CA HIS A 97 6.34 3.82 16.38
C HIS A 97 6.13 3.22 17.76
N VAL A 98 4.92 2.76 17.99
CA VAL A 98 4.43 2.45 19.36
C VAL A 98 4.35 0.95 19.58
N GLY A 99 4.98 0.51 20.66
CA GLY A 99 5.00 -0.88 20.99
C GLY A 99 4.42 -1.08 22.39
N VAL A 100 4.03 -2.31 22.67
CA VAL A 100 3.67 -2.72 24.03
C VAL A 100 4.60 -3.87 24.34
N ARG A 101 5.24 -3.85 25.50
CA ARG A 101 6.08 -4.94 25.92
C ARG A 101 5.59 -5.62 27.21
N ALA A 102 5.84 -6.91 27.30
CA ALA A 102 5.67 -7.62 28.59
C ALA A 102 6.76 -7.18 29.55
N THR A 103 6.35 -6.80 30.74
CA THR A 103 7.23 -6.16 31.69
C THR A 103 8.36 -7.14 32.07
N LYS A 104 7.99 -8.40 32.35
CA LYS A 104 8.98 -9.41 32.78
C LYS A 104 9.93 -9.87 31.67
N SER A 105 9.41 -10.42 30.57
CA SER A 105 10.20 -10.98 29.53
C SER A 105 10.80 -9.93 28.58
N ARG A 106 10.20 -8.75 28.58
CA ARG A 106 10.53 -7.63 27.67
C ARG A 106 10.02 -7.87 26.26
N LYS A 107 9.30 -8.98 26.05
CA LYS A 107 8.81 -9.35 24.70
C LYS A 107 7.84 -8.33 24.12
N LEU A 108 8.07 -7.99 22.86
CA LEU A 108 7.16 -7.09 22.11
C LEU A 108 5.88 -7.86 21.77
N VAL A 109 4.73 -7.41 22.27
CA VAL A 109 3.49 -8.12 22.09
C VAL A 109 2.43 -7.37 21.30
N ALA A 110 2.65 -6.10 21.05
CA ALA A 110 1.71 -5.31 20.25
C ALA A 110 2.41 -4.11 19.59
N SER A 111 1.82 -3.64 18.48
CA SER A 111 2.35 -2.48 17.77
C SER A 111 1.26 -1.66 17.13
N ILE A 112 1.56 -0.39 16.95
CA ILE A 112 0.79 0.48 16.09
C ILE A 112 1.66 1.65 15.65
N CYS A 113 1.60 1.97 14.37
CA CYS A 113 2.62 2.85 13.80
C CYS A 113 1.99 3.91 12.91
N GLY A 114 2.61 5.07 12.89
CA GLY A 114 2.25 6.09 11.95
C GLY A 114 3.45 6.78 11.29
N VAL A 115 3.24 7.32 10.09
CA VAL A 115 4.18 8.25 9.45
C VAL A 115 3.42 9.44 8.89
N PRO A 116 4.08 10.61 8.79
CA PRO A 116 3.40 11.82 8.36
C PRO A 116 3.38 12.00 6.85
N THR A 117 2.30 12.60 6.36
CA THR A 117 2.27 13.03 4.97
C THR A 117 1.16 14.08 4.87
N GLU A 118 1.08 14.74 3.73
CA GLU A 118 0.01 15.67 3.44
C GLU A 118 -0.90 15.07 2.40
N ILE A 119 -2.22 15.22 2.60
CA ILE A 119 -3.16 14.71 1.61
C ILE A 119 -4.07 15.85 1.17
N ASN A 120 -4.64 15.68 -0.01
CA ASN A 120 -5.66 16.57 -0.51
C ASN A 120 -7.01 15.89 -0.43
N VAL A 121 -7.95 16.52 0.26
CA VAL A 121 -9.29 16.00 0.39
C VAL A 121 -10.20 17.03 -0.24
N ARG A 122 -10.64 16.76 -1.48
CA ARG A 122 -11.48 17.68 -2.25
C ARG A 122 -10.89 19.11 -2.22
N ASN A 123 -9.62 19.20 -2.58
CA ASN A 123 -8.92 20.49 -2.79
C ASN A 123 -8.58 21.26 -1.52
N GLN A 124 -8.67 20.59 -0.38
CA GLN A 124 -8.13 21.14 0.87
C GLN A 124 -6.96 20.28 1.30
N LYS A 125 -5.83 20.90 1.60
CA LYS A 125 -4.63 20.20 1.99
C LYS A 125 -4.66 19.98 3.48
N LEU A 126 -4.28 18.79 3.88
CA LEU A 126 -4.41 18.38 5.25
C LEU A 126 -3.17 17.64 5.71
N LYS A 127 -2.61 18.04 6.84
CA LYS A 127 -1.50 17.30 7.44
C LYS A 127 -2.07 16.12 8.22
N VAL A 128 -1.59 14.91 7.93
CA VAL A 128 -2.11 13.72 8.57
C VAL A 128 -1.01 12.76 8.99
N VAL A 129 -1.38 11.77 9.80
CA VAL A 129 -0.57 10.58 9.96
C VAL A 129 -1.24 9.45 9.19
N GLU A 130 -0.43 8.66 8.49
CA GLU A 130 -0.86 7.40 7.94
C GLU A 130 -0.63 6.29 8.97
N ILE A 131 -1.70 5.63 9.39
CA ILE A 131 -1.63 4.60 10.41
C ILE A 131 -1.65 3.19 9.82
N ASN A 132 -0.76 2.35 10.32
CA ASN A 132 -0.61 0.98 9.80
C ASN A 132 0.10 0.12 10.83
N PHE A 133 0.16 -1.17 10.55
CA PHE A 133 0.85 -2.15 11.40
C PHE A 133 0.32 -2.19 12.81
N LEU A 134 -1.00 -1.97 12.94
CA LEU A 134 -1.67 -2.32 14.15
C LEU A 134 -1.63 -3.82 14.30
N CYS A 135 -1.12 -4.31 15.42
CA CYS A 135 -0.92 -5.75 15.56
C CYS A 135 -0.87 -6.12 17.01
N ILE A 136 -1.68 -7.10 17.37
CA ILE A 136 -1.67 -7.69 18.72
C ILE A 136 -1.37 -9.16 18.62
N HIS A 137 -0.38 -9.59 19.39
CA HIS A 137 -0.06 -11.02 19.55
C HIS A 137 -1.32 -11.84 19.72
N LYS A 138 -1.45 -12.92 18.95
CA LYS A 138 -2.62 -13.79 19.03
C LYS A 138 -3.06 -14.14 20.45
N LYS A 139 -2.12 -14.31 21.38
CA LYS A 139 -2.51 -14.72 22.73
C LYS A 139 -3.17 -13.58 23.52
N LEU A 140 -3.05 -12.34 23.03
CA LEU A 140 -3.67 -11.19 23.71
C LEU A 140 -4.89 -10.61 22.97
N ARG A 141 -5.39 -11.30 21.95
CA ARG A 141 -6.57 -10.85 21.22
C ARG A 141 -7.83 -10.87 22.08
N SER A 142 -8.82 -10.06 21.69
CA SER A 142 -10.12 -10.04 22.31
C SER A 142 -10.06 -9.55 23.77
N LYS A 143 -9.05 -8.76 24.09
CA LYS A 143 -8.96 -8.17 25.41
C LYS A 143 -9.14 -6.64 25.35
N ARG A 144 -9.68 -6.12 24.25
CA ARG A 144 -9.97 -4.68 24.10
C ARG A 144 -8.72 -3.82 24.18
N LEU A 145 -7.59 -4.36 23.76
CA LEU A 145 -6.35 -3.61 23.73
C LEU A 145 -6.31 -2.63 22.58
N THR A 146 -6.99 -2.97 21.49
CA THR A 146 -6.92 -2.13 20.28
C THR A 146 -7.38 -0.66 20.51
N PRO A 147 -8.49 -0.45 21.24
CA PRO A 147 -8.82 0.94 21.55
C PRO A 147 -7.76 1.65 22.36
N VAL A 148 -7.07 0.90 23.22
CA VAL A 148 -6.03 1.48 24.08
C VAL A 148 -4.81 1.86 23.20
N LEU A 149 -4.46 0.98 22.26
CA LEU A 149 -3.40 1.31 21.32
C LEU A 149 -3.74 2.55 20.50
N ILE A 150 -4.98 2.60 20.00
CA ILE A 150 -5.40 3.69 19.14
C ILE A 150 -5.36 5.02 19.90
N LYS A 151 -5.88 5.01 21.11
CA LYS A 151 -5.90 6.21 21.92
C LYS A 151 -4.49 6.73 22.21
N GLU A 152 -3.54 5.81 22.41
CA GLU A 152 -2.19 6.21 22.76
C GLU A 152 -1.44 6.79 21.55
N ILE A 153 -1.58 6.19 20.37
CA ILE A 153 -0.91 6.79 19.23
C ILE A 153 -1.57 8.13 18.88
N THR A 154 -2.88 8.22 19.08
CA THR A 154 -3.59 9.48 18.92
C THR A 154 -2.99 10.55 19.84
N ARG A 155 -2.75 10.20 21.07
CA ARG A 155 -2.16 11.16 22.03
C ARG A 155 -0.76 11.61 21.58
N ARG A 156 0.05 10.67 21.12
CA ARG A 156 1.38 11.02 20.69
C ARG A 156 1.40 11.90 19.46
N CYS A 157 0.41 11.71 18.59
CA CYS A 157 0.22 12.56 17.43
C CYS A 157 -0.26 13.96 17.80
N TYR A 158 -1.21 13.99 18.72
CA TYR A 158 -1.76 15.26 19.23
C TYR A 158 -0.67 16.14 19.80
N LEU A 159 0.23 15.53 20.54
CA LEU A 159 1.37 16.24 21.14
C LEU A 159 2.25 16.88 20.09
N ASN A 160 2.31 16.31 18.90
CA ASN A 160 3.14 16.86 17.84
C ASN A 160 2.34 17.72 16.85
N GLY A 161 1.12 18.04 17.22
CA GLY A 161 0.34 18.98 16.43
C GLY A 161 -0.31 18.36 15.21
N ILE A 162 -0.50 17.04 15.21
CA ILE A 162 -1.26 16.33 14.17
C ILE A 162 -2.58 15.83 14.72
N TYR A 163 -3.70 16.15 14.05
CA TYR A 163 -5.03 15.90 14.58
C TYR A 163 -5.95 15.15 13.61
N GLN A 164 -5.40 14.69 12.50
CA GLN A 164 -6.15 13.94 11.52
C GLN A 164 -5.31 12.71 11.10
N ALA A 165 -5.99 11.65 10.68
CA ALA A 165 -5.26 10.47 10.21
C ALA A 165 -5.94 9.87 8.98
N ILE A 166 -5.18 9.12 8.19
CA ILE A 166 -5.76 8.28 7.18
C ILE A 166 -5.25 6.84 7.35
N TYR A 167 -6.10 5.89 7.03
CA TYR A 167 -5.74 4.47 7.12
C TYR A 167 -6.71 3.61 6.33
N THR A 168 -6.29 2.39 6.09
CA THR A 168 -7.16 1.41 5.45
C THR A 168 -7.40 0.25 6.42
N ALA A 169 -8.45 -0.51 6.20
CA ALA A 169 -8.62 -1.79 6.89
C ALA A 169 -9.58 -2.65 6.07
N GLY A 170 -9.50 -3.96 6.28
CA GLY A 170 -10.42 -4.88 5.58
C GLY A 170 -11.72 -5.04 6.34
N VAL A 171 -11.75 -4.62 7.59
CA VAL A 171 -12.97 -4.72 8.39
C VAL A 171 -13.80 -3.46 8.23
N VAL A 172 -15.12 -3.63 8.39
CA VAL A 172 -16.03 -2.52 8.30
C VAL A 172 -16.03 -1.74 9.61
N LEU A 173 -15.64 -0.47 9.52
CA LEU A 173 -15.68 0.47 10.63
C LEU A 173 -16.53 1.67 10.23
N PRO A 174 -17.01 2.48 11.19
CA PRO A 174 -17.89 3.62 10.90
C PRO A 174 -17.35 4.59 9.84
N THR A 175 -18.27 5.11 9.03
CA THR A 175 -18.04 6.02 7.90
C THR A 175 -16.73 5.82 7.10
N PRO A 176 -16.64 4.69 6.36
CA PRO A 176 -15.60 4.58 5.34
C PRO A 176 -15.71 5.69 4.29
N VAL A 177 -14.58 6.25 3.87
CA VAL A 177 -14.60 7.32 2.87
C VAL A 177 -14.65 6.70 1.47
N SER A 178 -14.13 5.49 1.34
CA SER A 178 -14.29 4.74 0.11
C SER A 178 -13.95 3.27 0.34
N SER A 179 -14.21 2.47 -0.67
CA SER A 179 -13.88 1.06 -0.64
C SER A 179 -13.47 0.64 -2.05
N CYS A 180 -12.42 -0.19 -2.12
CA CYS A 180 -11.88 -0.62 -3.40
C CYS A 180 -11.71 -2.12 -3.36
N ARG A 181 -11.94 -2.77 -4.50
CA ARG A 181 -11.74 -4.20 -4.56
C ARG A 181 -10.30 -4.59 -4.92
N TYR A 182 -9.84 -5.70 -4.36
CA TYR A 182 -8.56 -6.30 -4.69
C TYR A 182 -8.59 -7.03 -6.04
N TYR A 183 -7.48 -6.95 -6.76
CA TYR A 183 -7.32 -7.63 -8.04
C TYR A 183 -5.96 -8.29 -8.12
N HIS A 184 -5.89 -9.44 -8.78
CA HIS A 184 -4.72 -10.29 -8.78
C HIS A 184 -4.40 -10.79 -10.16
N ARG A 185 -3.19 -10.51 -10.63
CA ARG A 185 -2.73 -10.94 -11.95
C ARG A 185 -1.67 -12.01 -11.84
N PRO A 186 -2.06 -13.26 -12.13
CA PRO A 186 -1.08 -14.34 -12.05
C PRO A 186 0.09 -14.12 -13.01
N LEU A 187 1.30 -14.29 -12.50
CA LEU A 187 2.50 -14.22 -13.28
C LEU A 187 3.08 -15.64 -13.41
N ASP A 188 3.27 -16.30 -12.27
CA ASP A 188 3.63 -17.73 -12.23
C ASP A 188 2.42 -18.51 -11.78
N TRP A 189 1.51 -18.80 -12.72
CA TRP A 189 0.24 -19.43 -12.34
C TRP A 189 0.46 -20.78 -11.64
N LEU A 190 1.45 -21.55 -12.06
CA LEU A 190 1.65 -22.88 -11.49
C LEU A 190 2.03 -22.77 -10.02
N LYS A 191 2.91 -21.83 -9.73
CA LYS A 191 3.27 -21.51 -8.33
C LYS A 191 2.00 -21.21 -7.52
N LEU A 192 1.14 -20.37 -8.07
CA LEU A 192 -0.05 -19.92 -7.37
C LEU A 192 -1.07 -21.04 -7.23
N TYR A 193 -1.06 -21.97 -8.19
CA TYR A 193 -1.94 -23.14 -8.07
C TYR A 193 -1.50 -24.05 -6.95
N GLU A 194 -0.19 -24.28 -6.86
CA GLU A 194 0.36 -25.25 -5.91
C GLU A 194 0.26 -24.78 -4.49
N VAL A 195 0.05 -23.47 -4.29
CA VAL A 195 -0.09 -22.91 -2.95
C VAL A 195 -1.55 -22.66 -2.59
N GLY A 196 -2.44 -22.88 -3.54
CA GLY A 196 -3.87 -22.72 -3.31
C GLY A 196 -4.36 -21.31 -3.54
N PHE A 197 -3.46 -20.47 -4.05
CA PHE A 197 -3.81 -19.09 -4.35
C PHE A 197 -4.78 -19.05 -5.51
N SER A 198 -4.45 -19.75 -6.61
CA SER A 198 -5.28 -19.75 -7.80
C SER A 198 -5.85 -21.15 -8.08
N PRO A 199 -7.15 -21.21 -8.42
CA PRO A 199 -7.81 -22.48 -8.73
C PRO A 199 -7.54 -22.99 -10.15
N LEU A 200 -7.67 -24.29 -10.33
CA LEU A 200 -7.76 -24.88 -11.68
C LEU A 200 -9.25 -25.08 -11.98
N PRO A 201 -9.82 -24.22 -12.83
CA PRO A 201 -11.23 -24.28 -13.19
C PRO A 201 -11.63 -25.68 -13.67
N ALA A 202 -12.89 -26.04 -13.47
CA ALA A 202 -13.37 -27.38 -13.78
C ALA A 202 -12.99 -27.85 -15.19
N GLY A 203 -13.11 -26.97 -16.16
CA GLY A 203 -12.92 -27.38 -17.55
C GLY A 203 -11.51 -27.32 -18.10
N SER A 204 -10.51 -27.06 -17.27
CA SER A 204 -9.20 -26.66 -17.79
C SER A 204 -8.04 -27.61 -17.44
N THR A 205 -6.86 -27.26 -17.92
CA THR A 205 -5.62 -27.95 -17.56
C THR A 205 -4.56 -26.91 -17.13
N LYS A 206 -3.45 -27.39 -16.56
CA LYS A 206 -2.31 -26.53 -16.23
C LYS A 206 -1.80 -25.79 -17.44
N ALA A 207 -1.65 -26.52 -18.55
CA ALA A 207 -1.19 -25.91 -19.79
C ALA A 207 -2.10 -24.78 -20.29
N ARG A 208 -3.41 -24.95 -20.16
CA ARG A 208 -4.31 -23.91 -20.64
C ARG A 208 -4.27 -22.69 -19.73
N GLN A 209 -4.07 -22.90 -18.45
CA GLN A 209 -3.97 -21.77 -17.53
C GLN A 209 -2.68 -21.01 -17.72
N ILE A 210 -1.60 -21.74 -17.98
CA ILE A 210 -0.29 -21.13 -18.26
C ILE A 210 -0.36 -20.34 -19.57
N THR A 211 -1.08 -20.91 -20.55
CA THR A 211 -1.29 -20.23 -21.83
C THR A 211 -2.03 -18.90 -21.68
N LYS A 212 -3.08 -18.93 -20.89
CA LYS A 212 -3.93 -17.76 -20.68
C LYS A 212 -3.14 -16.64 -20.02
N ASN A 213 -2.22 -17.00 -19.13
CA ASN A 213 -1.47 -15.99 -18.36
C ASN A 213 -0.12 -15.64 -18.95
N HIS A 214 0.23 -16.25 -20.08
CA HIS A 214 1.52 -16.03 -20.72
C HIS A 214 1.73 -14.55 -21.08
N LEU A 215 2.96 -14.10 -20.93
CA LEU A 215 3.31 -12.71 -21.22
C LEU A 215 4.44 -12.65 -22.24
N PRO A 216 4.45 -11.58 -23.07
CA PRO A 216 5.57 -11.32 -23.97
C PRO A 216 6.91 -11.30 -23.23
N SER A 217 7.99 -11.58 -23.95
CA SER A 217 9.32 -11.66 -23.36
C SER A 217 9.90 -10.28 -23.14
N THR A 218 9.39 -9.30 -23.89
CA THR A 218 9.93 -7.94 -23.82
C THR A 218 8.83 -6.91 -23.72
N THR A 219 9.20 -5.73 -23.21
CA THR A 219 8.26 -4.64 -23.05
C THR A 219 8.05 -3.95 -24.39
N SER A 220 6.96 -3.18 -24.50
CA SER A 220 6.57 -2.55 -25.77
C SER A 220 6.64 -1.03 -25.78
N THR A 221 6.47 -0.40 -24.62
CA THR A 221 6.52 1.06 -24.59
C THR A 221 7.91 1.60 -24.97
N PRO A 222 7.97 2.42 -26.02
CA PRO A 222 9.25 3.01 -26.43
C PRO A 222 9.82 3.99 -25.41
N GLY A 223 11.09 3.85 -25.07
CA GLY A 223 11.72 4.79 -24.13
C GLY A 223 11.67 4.34 -22.69
N LEU A 224 11.01 3.21 -22.44
CA LEU A 224 10.86 2.70 -21.08
C LEU A 224 12.17 2.27 -20.46
N ARG A 225 12.47 2.78 -19.26
CA ARG A 225 13.71 2.45 -18.54
C ARG A 225 13.48 2.63 -17.03
N PRO A 226 14.34 2.00 -16.20
CA PRO A 226 14.29 2.25 -14.77
C PRO A 226 14.45 3.72 -14.43
N MET A 227 13.63 4.17 -13.49
CA MET A 227 13.75 5.52 -12.96
C MET A 227 15.11 5.77 -12.35
N GLU A 228 15.65 6.98 -12.55
CA GLU A 228 16.92 7.41 -11.96
C GLU A 228 16.76 8.63 -11.11
N PRO A 229 17.70 8.91 -10.21
CA PRO A 229 17.55 10.14 -9.39
C PRO A 229 17.39 11.41 -10.21
N LYS A 230 18.02 11.47 -11.39
CA LYS A 230 17.85 12.65 -12.25
C LYS A 230 16.40 12.85 -12.69
N ASP A 231 15.57 11.79 -12.60
CA ASP A 231 14.18 11.89 -13.00
C ASP A 231 13.25 12.44 -11.92
N ILE A 232 13.76 12.74 -10.75
CA ILE A 232 12.91 13.06 -9.61
C ILE A 232 11.99 14.28 -9.82
N ASP A 233 12.55 15.37 -10.30
CA ASP A 233 11.77 16.58 -10.47
C ASP A 233 10.64 16.42 -11.48
N THR A 234 10.94 15.77 -12.61
CA THR A 234 9.98 15.57 -13.66
C THR A 234 8.88 14.60 -13.28
N VAL A 235 9.25 13.50 -12.62
CA VAL A 235 8.24 12.58 -12.11
C VAL A 235 7.39 13.25 -11.04
N HIS A 236 8.00 14.04 -10.18
CA HIS A 236 7.29 14.80 -9.15
C HIS A 236 6.22 15.68 -9.77
N ASP A 237 6.60 16.46 -10.79
CA ASP A 237 5.66 17.34 -11.46
C ASP A 237 4.51 16.53 -12.07
N LEU A 238 4.88 15.48 -12.80
CA LEU A 238 3.88 14.68 -13.51
C LEU A 238 2.93 13.97 -12.54
N LEU A 239 3.49 13.42 -11.47
CA LEU A 239 2.67 12.69 -10.48
C LEU A 239 1.65 13.58 -9.81
N GLN A 240 2.04 14.78 -9.42
CA GLN A 240 1.09 15.61 -8.70
C GLN A 240 0.01 16.15 -9.66
N ARG A 241 0.38 16.43 -10.90
CA ARG A 241 -0.64 16.83 -11.88
C ARG A 241 -1.66 15.71 -12.08
N TYR A 242 -1.18 14.47 -12.14
CA TYR A 242 -2.05 13.33 -12.36
C TYR A 242 -2.91 13.05 -11.13
N LEU A 243 -2.30 13.06 -9.94
CA LEU A 243 -3.05 12.82 -8.72
C LEU A 243 -4.06 13.93 -8.47
N SER A 244 -3.85 15.11 -9.05
CA SER A 244 -4.82 16.21 -8.90
C SER A 244 -6.16 15.83 -9.50
N ARG A 245 -6.15 14.83 -10.37
CA ARG A 245 -7.36 14.36 -11.01
C ARG A 245 -8.25 13.55 -10.03
N PHE A 246 -7.83 13.41 -8.77
CA PHE A 246 -8.57 12.58 -7.84
C PHE A 246 -9.02 13.35 -6.60
N ALA A 247 -10.21 13.03 -6.11
CA ALA A 247 -10.83 13.76 -4.99
C ALA A 247 -10.01 13.60 -3.70
N LEU A 248 -9.57 12.37 -3.47
CA LEU A 248 -8.70 12.08 -2.35
C LEU A 248 -7.33 11.67 -2.86
N ASN A 249 -6.28 12.42 -2.53
CA ASN A 249 -4.96 12.04 -3.02
C ASN A 249 -3.81 12.42 -2.09
N GLN A 250 -2.65 11.84 -2.37
CA GLN A 250 -1.45 12.15 -1.58
C GLN A 250 -0.69 13.31 -2.20
N ALA A 251 -0.39 14.31 -1.39
CA ALA A 251 0.29 15.52 -1.83
C ALA A 251 1.82 15.39 -1.72
N PHE A 252 2.39 14.70 -2.67
CA PHE A 252 3.82 14.36 -2.64
C PHE A 252 4.74 15.56 -2.54
N THR A 253 5.70 15.48 -1.64
CA THR A 253 6.86 16.36 -1.61
C THR A 253 7.97 15.75 -2.47
N ARG A 254 8.97 16.55 -2.81
CA ARG A 254 10.11 16.02 -3.52
C ARG A 254 10.84 14.92 -2.75
N GLU A 255 11.06 15.12 -1.46
CA GLU A 255 11.72 14.09 -0.64
C GLU A 255 10.89 12.81 -0.62
N GLU A 256 9.58 12.95 -0.65
CA GLU A 256 8.71 11.79 -0.75
C GLU A 256 8.84 11.06 -2.08
N VAL A 257 9.06 11.79 -3.16
CA VAL A 257 9.28 11.14 -4.45
C VAL A 257 10.60 10.35 -4.37
N ASP A 258 11.64 11.00 -3.82
CA ASP A 258 12.92 10.34 -3.65
C ASP A 258 12.79 9.08 -2.83
N HIS A 259 12.17 9.20 -1.66
CA HIS A 259 12.08 8.05 -0.75
C HIS A 259 11.19 6.92 -1.26
N TRP A 260 10.03 7.27 -1.76
CA TRP A 260 9.00 6.28 -2.07
C TRP A 260 9.17 5.68 -3.45
N LEU A 261 9.91 6.34 -4.33
CA LEU A 261 9.96 5.85 -5.69
C LEU A 261 11.36 5.44 -6.18
N VAL A 262 12.41 5.94 -5.56
CA VAL A 262 13.77 5.69 -6.08
C VAL A 262 14.57 4.76 -5.19
N HIS A 263 14.63 3.49 -5.60
CA HIS A 263 15.43 2.49 -4.90
C HIS A 263 16.90 2.92 -4.80
N LYS A 264 17.47 2.72 -3.62
CA LYS A 264 18.84 3.07 -3.33
C LYS A 264 19.65 1.80 -3.10
N PRO A 265 20.21 1.23 -4.17
CA PRO A 265 20.92 -0.05 -4.11
C PRO A 265 22.15 -0.06 -3.22
N GLU A 266 22.82 1.09 -3.12
CA GLU A 266 24.04 1.19 -2.30
C GLU A 266 23.74 0.89 -0.82
N THR A 267 22.57 1.31 -0.36
CA THR A 267 22.26 1.27 1.06
C THR A 267 21.10 0.36 1.42
N VAL A 268 20.49 -0.24 0.39
CA VAL A 268 19.35 -1.13 0.60
C VAL A 268 19.66 -2.47 -0.06
N LYS A 269 19.85 -3.50 0.76
CA LYS A 269 20.26 -4.82 0.28
C LYS A 269 19.14 -5.52 -0.47
N GLU A 270 17.94 -5.50 0.13
CA GLU A 270 16.78 -6.13 -0.49
C GLU A 270 15.83 -5.09 -1.08
N GLN A 271 15.84 -4.98 -2.40
CA GLN A 271 14.99 -4.01 -3.11
C GLN A 271 13.52 -4.22 -2.76
N VAL A 272 12.84 -3.12 -2.50
CA VAL A 272 11.42 -3.14 -2.17
C VAL A 272 10.60 -2.35 -3.19
N VAL A 273 11.18 -1.30 -3.75
CA VAL A 273 10.44 -0.49 -4.72
C VAL A 273 11.07 -0.52 -6.13
N TRP A 274 10.23 -0.72 -7.15
CA TRP A 274 10.65 -0.67 -8.55
C TRP A 274 9.95 0.49 -9.25
N ALA A 275 10.68 1.34 -9.94
CA ALA A 275 10.09 2.43 -10.66
C ALA A 275 10.66 2.49 -12.05
N TYR A 276 9.79 2.78 -12.99
CA TYR A 276 10.14 2.87 -14.40
C TYR A 276 9.58 4.12 -15.02
N VAL A 277 10.37 4.78 -15.84
CA VAL A 277 9.93 5.98 -16.52
C VAL A 277 9.95 5.72 -18.01
N VAL A 278 9.18 6.51 -18.74
CA VAL A 278 9.17 6.52 -20.19
C VAL A 278 9.82 7.82 -20.64
N GLU A 279 11.04 7.72 -21.19
CA GLU A 279 11.73 8.84 -21.75
C GLU A 279 11.41 8.91 -23.24
N ASP A 280 10.66 9.91 -23.64
CA ASP A 280 10.20 10.00 -25.02
C ASP A 280 11.42 9.93 -25.96
N PRO A 281 11.37 9.04 -26.95
CA PRO A 281 12.44 8.90 -27.94
C PRO A 281 12.70 10.20 -28.71
N GLU A 282 11.65 10.97 -28.96
CA GLU A 282 11.78 12.22 -29.72
C GLU A 282 12.17 13.41 -28.86
N THR A 283 11.40 13.71 -27.81
CA THR A 283 11.68 14.89 -26.98
C THR A 283 12.59 14.62 -25.78
N HIS A 284 12.75 13.35 -25.43
CA HIS A 284 13.52 12.94 -24.24
C HIS A 284 12.98 13.51 -22.92
N LYS A 285 11.71 13.91 -22.92
CA LYS A 285 11.04 14.24 -21.66
C LYS A 285 10.40 12.97 -21.10
N ILE A 286 10.23 12.91 -19.78
CA ILE A 286 9.45 11.84 -19.16
C ILE A 286 7.96 12.09 -19.41
N THR A 287 7.30 11.17 -20.12
CA THR A 287 5.90 11.30 -20.45
C THR A 287 5.01 10.36 -19.63
N ASP A 288 5.62 9.33 -19.04
CA ASP A 288 4.90 8.34 -18.25
C ASP A 288 5.81 7.77 -17.14
N PHE A 289 5.19 7.17 -16.11
CA PHE A 289 5.95 6.33 -15.21
C PHE A 289 5.02 5.38 -14.48
N PHE A 290 5.57 4.30 -13.93
CA PHE A 290 4.80 3.47 -13.03
C PHE A 290 5.74 2.85 -12.02
N SER A 291 5.18 2.23 -11.00
CA SER A 291 6.00 1.68 -9.95
C SER A 291 5.21 0.59 -9.26
N PHE A 292 5.94 -0.29 -8.59
CA PHE A 292 5.32 -1.36 -7.85
C PHE A 292 6.21 -1.82 -6.72
N TYR A 293 5.64 -2.37 -5.63
CA TYR A 293 6.48 -2.77 -4.52
C TYR A 293 6.40 -4.24 -4.22
N ASN A 294 7.42 -4.72 -3.50
CA ASN A 294 7.55 -6.13 -3.14
C ASN A 294 6.97 -6.39 -1.75
N LEU A 295 5.95 -7.21 -1.69
CA LEU A 295 5.38 -7.64 -0.38
C LEU A 295 5.11 -9.12 -0.43
N GLU A 296 5.91 -9.90 0.30
CA GLU A 296 5.72 -11.33 0.35
C GLU A 296 4.51 -11.70 1.21
N SER A 297 3.94 -12.88 0.96
CA SER A 297 3.04 -13.51 1.87
C SER A 297 3.60 -14.86 2.31
N THR A 298 3.42 -15.17 3.59
CA THR A 298 3.75 -16.49 4.11
C THR A 298 2.68 -17.52 3.71
N VAL A 299 3.09 -18.61 3.11
CA VAL A 299 2.18 -19.72 2.87
C VAL A 299 2.15 -20.55 4.15
N ILE A 300 1.03 -20.52 4.86
CA ILE A 300 0.96 -21.01 6.24
C ILE A 300 1.21 -22.53 6.39
N GLN A 301 0.56 -23.36 5.58
CA GLN A 301 0.80 -24.81 5.64
C GLN A 301 0.75 -25.47 4.26
N ASN A 302 1.92 -25.63 3.64
CA ASN A 302 2.02 -26.26 2.32
C ASN A 302 3.32 -27.03 2.13
N PRO A 303 3.22 -28.26 1.59
CA PRO A 303 4.39 -29.10 1.31
C PRO A 303 5.43 -28.47 0.38
N LYS A 304 4.98 -27.90 -0.74
CA LYS A 304 5.89 -27.52 -1.83
C LYS A 304 6.39 -26.07 -1.81
N HIS A 305 5.79 -25.20 -1.01
CA HIS A 305 6.16 -23.78 -1.05
C HIS A 305 6.04 -23.10 0.32
N ASP A 306 6.92 -22.12 0.55
CA ASP A 306 6.94 -21.38 1.82
C ASP A 306 6.37 -19.97 1.71
N ASN A 307 6.51 -19.33 0.56
CA ASN A 307 6.04 -17.94 0.37
C ASN A 307 5.47 -17.67 -1.00
N VAL A 308 4.65 -16.63 -1.07
CA VAL A 308 4.23 -16.03 -2.32
C VAL A 308 4.99 -14.71 -2.49
N ARG A 309 5.73 -14.57 -3.60
CA ARG A 309 6.43 -13.34 -3.90
C ARG A 309 5.53 -12.48 -4.74
N ALA A 310 4.93 -11.48 -4.13
CA ALA A 310 3.96 -10.64 -4.82
C ALA A 310 4.47 -9.24 -5.09
N ALA A 311 4.09 -8.70 -6.22
CA ALA A 311 4.36 -7.29 -6.51
C ALA A 311 3.02 -6.55 -6.46
N TYR A 312 3.00 -5.33 -5.89
CA TYR A 312 1.81 -4.50 -5.82
C TYR A 312 1.98 -3.21 -6.59
N LEU A 313 0.97 -2.89 -7.38
CA LEU A 313 1.00 -1.66 -8.12
C LEU A 313 0.89 -0.50 -7.15
N TYR A 314 1.74 0.48 -7.34
CA TYR A 314 1.83 1.65 -6.52
C TYR A 314 1.43 2.89 -7.33
N TYR A 315 2.29 3.89 -7.36
CA TYR A 315 1.91 5.08 -8.10
C TYR A 315 2.36 5.02 -9.58
N TYR A 316 1.65 5.78 -10.40
CA TYR A 316 1.90 5.88 -11.83
C TYR A 316 1.26 7.15 -12.35
N ALA A 317 1.67 7.56 -13.55
CA ALA A 317 1.14 8.78 -14.16
C ALA A 317 1.43 8.74 -15.65
N THR A 318 0.62 9.43 -16.43
CA THR A 318 0.88 9.54 -17.85
C THR A 318 0.32 10.86 -18.39
N GLU A 319 1.10 11.52 -19.24
CA GLU A 319 0.66 12.76 -19.88
C GLU A 319 -0.64 12.55 -20.66
N THR A 320 -0.89 11.32 -21.12
CA THR A 320 -2.07 11.04 -21.93
C THR A 320 -3.37 11.36 -21.18
N ALA A 321 -3.33 11.24 -19.85
CA ALA A 321 -4.50 11.51 -19.04
C ALA A 321 -5.07 12.91 -19.26
N PHE A 322 -4.22 13.84 -19.65
CA PHE A 322 -4.61 15.23 -19.65
C PHE A 322 -5.33 15.67 -20.92
N THR A 323 -5.67 14.72 -21.77
CA THR A 323 -6.47 15.03 -22.97
C THR A 323 -7.96 14.84 -22.68
N ASN A 324 -8.28 14.18 -21.58
CA ASN A 324 -9.65 13.78 -21.21
C ASN A 324 -10.30 12.92 -22.29
N ASN A 325 -9.45 12.24 -23.03
CA ASN A 325 -9.88 11.28 -24.05
C ASN A 325 -9.70 9.86 -23.48
N MET A 326 -10.76 9.30 -22.92
CA MET A 326 -10.66 8.07 -22.14
C MET A 326 -10.18 6.86 -22.96
N LYS A 327 -10.57 6.80 -24.24
CA LYS A 327 -10.11 5.73 -25.10
C LYS A 327 -8.58 5.74 -25.22
N ALA A 328 -8.02 6.93 -25.40
CA ALA A 328 -6.57 7.11 -25.49
C ALA A 328 -5.88 6.78 -24.16
N LEU A 329 -6.48 7.21 -23.05
CA LEU A 329 -5.91 6.89 -21.75
C LEU A 329 -5.94 5.38 -21.53
N LYS A 330 -7.06 4.77 -21.89
CA LYS A 330 -7.21 3.32 -21.82
C LYS A 330 -6.12 2.60 -22.59
N GLU A 331 -5.89 3.03 -23.83
CA GLU A 331 -4.87 2.41 -24.68
C GLU A 331 -3.49 2.52 -24.06
N ARG A 332 -3.18 3.70 -23.55
CA ARG A 332 -1.88 4.01 -23.01
C ARG A 332 -1.62 3.17 -21.76
N LEU A 333 -2.63 3.09 -20.89
CA LEU A 333 -2.49 2.30 -19.66
C LEU A 333 -2.38 0.81 -19.94
N LEU A 334 -3.06 0.31 -20.98
CA LEU A 334 -2.97 -1.11 -21.33
C LEU A 334 -1.55 -1.50 -21.74
N MET A 335 -0.86 -0.61 -22.42
CA MET A 335 0.49 -0.89 -22.83
C MET A 335 1.44 -0.77 -21.63
N LEU A 336 1.34 0.34 -20.91
CA LEU A 336 2.20 0.55 -19.75
C LEU A 336 2.04 -0.54 -18.72
N MET A 337 0.81 -0.91 -18.40
CA MET A 337 0.59 -1.84 -17.31
C MET A 337 0.92 -3.28 -17.72
N ASN A 338 0.77 -3.59 -19.00
CA ASN A 338 1.28 -4.89 -19.44
C ASN A 338 2.81 -4.93 -19.36
N ASP A 339 3.47 -3.81 -19.71
CA ASP A 339 4.91 -3.74 -19.48
C ASP A 339 5.28 -3.95 -18.01
N ALA A 340 4.49 -3.36 -17.11
CA ALA A 340 4.71 -3.56 -15.68
C ALA A 340 4.66 -5.04 -15.32
N LEU A 341 3.71 -5.76 -15.91
CA LEU A 341 3.59 -7.20 -15.65
C LEU A 341 4.83 -7.94 -16.10
N ILE A 342 5.25 -7.64 -17.33
CA ILE A 342 6.43 -8.30 -17.91
C ILE A 342 7.68 -8.05 -17.05
N LEU A 343 7.88 -6.81 -16.62
CA LEU A 343 9.00 -6.44 -15.78
C LEU A 343 8.91 -7.13 -14.42
N ALA A 344 7.69 -7.19 -13.86
CA ALA A 344 7.49 -7.87 -12.58
C ALA A 344 7.80 -9.36 -12.72
N LYS A 345 7.38 -9.94 -13.84
CA LYS A 345 7.69 -11.35 -14.09
C LYS A 345 9.17 -11.59 -14.17
N LYS A 346 9.87 -10.70 -14.89
CA LYS A 346 11.31 -10.81 -15.07
C LYS A 346 12.03 -10.77 -13.73
N ALA A 347 11.47 -10.00 -12.78
CA ALA A 347 11.98 -9.90 -11.42
C ALA A 347 11.53 -11.05 -10.53
N HIS A 348 10.93 -12.06 -11.14
CA HIS A 348 10.57 -13.32 -10.49
C HIS A 348 9.42 -13.23 -9.50
N PHE A 349 8.55 -12.26 -9.69
CA PHE A 349 7.32 -12.18 -8.89
C PHE A 349 6.32 -13.22 -9.36
N ASP A 350 5.62 -13.83 -8.41
CA ASP A 350 4.60 -14.85 -8.70
C ASP A 350 3.26 -14.25 -9.16
N VAL A 351 2.92 -13.06 -8.63
CA VAL A 351 1.62 -12.46 -8.87
C VAL A 351 1.77 -10.95 -8.83
N PHE A 352 0.91 -10.24 -9.55
CA PHE A 352 0.92 -8.79 -9.60
C PHE A 352 -0.41 -8.27 -9.06
N ASN A 353 -0.37 -7.55 -7.95
CA ASN A 353 -1.62 -7.17 -7.31
C ASN A 353 -1.99 -5.70 -7.49
N ALA A 354 -3.28 -5.40 -7.55
CA ALA A 354 -3.74 -4.03 -7.64
C ALA A 354 -5.11 -3.85 -7.02
N LEU A 355 -5.50 -2.59 -6.84
CA LEU A 355 -6.79 -2.18 -6.33
C LEU A 355 -7.54 -1.46 -7.42
N THR A 356 -8.83 -1.17 -7.19
CA THR A 356 -9.63 -0.48 -8.21
C THR A 356 -9.54 1.03 -8.13
N LEU A 357 -8.56 1.56 -7.41
CA LEU A 357 -8.38 3.00 -7.31
C LEU A 357 -7.66 3.59 -8.54
N HIS A 358 -7.28 4.87 -8.48
CA HIS A 358 -6.69 5.58 -9.63
C HIS A 358 -7.55 5.34 -10.90
N ASP A 359 -6.92 5.08 -12.04
CA ASP A 359 -7.68 4.75 -13.28
C ASP A 359 -7.64 3.26 -13.54
N ASN A 360 -7.40 2.47 -12.51
CA ASN A 360 -7.17 1.06 -12.67
C ASN A 360 -8.33 0.27 -13.31
N PRO A 361 -9.59 0.66 -13.05
CA PRO A 361 -10.66 -0.06 -13.79
C PRO A 361 -10.50 -0.05 -15.31
N LEU A 362 -9.69 0.83 -15.84
CA LEU A 362 -9.49 0.91 -17.30
C LEU A 362 -8.73 -0.27 -17.85
N PHE A 363 -7.95 -0.96 -17.00
CA PHE A 363 -7.10 -2.03 -17.53
C PHE A 363 -7.16 -3.34 -16.79
N LEU A 364 -7.75 -3.37 -15.60
CA LEU A 364 -7.64 -4.57 -14.73
C LEU A 364 -8.19 -5.83 -15.41
N GLU A 365 -9.41 -5.76 -15.91
CA GLU A 365 -10.02 -6.93 -16.52
C GLU A 365 -9.35 -7.36 -17.84
N GLN A 366 -9.08 -6.40 -18.70
CA GLN A 366 -8.52 -6.68 -20.01
C GLN A 366 -7.12 -7.30 -19.95
N LEU A 367 -6.33 -6.91 -18.95
CA LEU A 367 -5.01 -7.49 -18.76
C LEU A 367 -5.07 -8.74 -17.89
N LYS A 368 -6.29 -9.25 -17.64
CA LYS A 368 -6.47 -10.54 -16.98
C LYS A 368 -6.05 -10.56 -15.50
N PHE A 369 -6.29 -9.45 -14.80
CA PHE A 369 -6.32 -9.49 -13.34
C PHE A 369 -7.61 -10.19 -12.96
N GLY A 370 -7.52 -11.15 -12.05
CA GLY A 370 -8.72 -11.79 -11.53
C GLY A 370 -9.22 -11.02 -10.31
N ALA A 371 -10.53 -10.95 -10.16
CA ALA A 371 -11.16 -10.27 -9.02
C ALA A 371 -10.89 -11.00 -7.74
N GLY A 372 -10.46 -10.27 -6.71
CA GLY A 372 -10.22 -10.84 -5.40
C GLY A 372 -11.46 -10.81 -4.52
N ASP A 373 -11.29 -11.23 -3.26
CA ASP A 373 -12.38 -11.32 -2.31
C ASP A 373 -12.52 -10.07 -1.44
N GLY A 374 -13.68 -9.45 -1.50
CA GLY A 374 -13.99 -8.34 -0.61
C GLY A 374 -13.45 -7.00 -1.05
N GLN A 375 -13.31 -6.10 -0.09
CA GLN A 375 -12.86 -4.76 -0.38
C GLN A 375 -11.84 -4.28 0.66
N LEU A 376 -11.00 -3.35 0.23
CA LEU A 376 -10.22 -2.59 1.19
C LEU A 376 -10.95 -1.26 1.44
N HIS A 377 -11.21 -0.95 2.70
CA HIS A 377 -11.89 0.27 3.05
C HIS A 377 -10.89 1.35 3.48
N PHE A 378 -11.21 2.60 3.15
CA PHE A 378 -10.38 3.75 3.40
C PHE A 378 -11.08 4.65 4.43
N TYR A 379 -10.32 5.15 5.42
CA TYR A 379 -10.90 5.89 6.52
C TYR A 379 -10.11 7.16 6.82
N LEU A 380 -10.84 8.20 7.21
CA LEU A 380 -10.24 9.41 7.74
C LEU A 380 -10.66 9.57 9.21
N TYR A 381 -9.69 9.92 10.04
CA TYR A 381 -9.93 10.25 11.44
C TYR A 381 -10.03 11.77 11.61
N ASN A 382 -11.08 12.22 12.27
CA ASN A 382 -11.29 13.64 12.60
C ASN A 382 -11.43 14.51 11.38
N TYR A 383 -12.05 13.94 10.34
CA TYR A 383 -12.28 14.71 9.11
C TYR A 383 -13.52 14.15 8.45
N ARG A 384 -14.46 15.03 8.20
CA ARG A 384 -15.69 14.73 7.50
C ARG A 384 -15.61 15.18 6.06
N THR A 385 -15.93 14.26 5.14
CA THR A 385 -16.07 14.60 3.74
C THR A 385 -17.06 13.59 3.15
N ALA A 386 -17.69 13.95 2.03
CA ALA A 386 -18.58 13.04 1.34
C ALA A 386 -17.83 11.81 0.83
N PRO A 387 -18.50 10.67 0.74
CA PRO A 387 -17.82 9.46 0.19
C PRO A 387 -17.25 9.74 -1.20
N VAL A 388 -16.12 9.14 -1.51
CA VAL A 388 -15.55 9.22 -2.83
C VAL A 388 -15.62 7.88 -3.53
N PRO A 389 -15.78 7.90 -4.86
CA PRO A 389 -15.93 6.65 -5.59
C PRO A 389 -14.67 5.83 -5.50
N GLY A 390 -14.77 4.51 -5.38
CA GLY A 390 -13.60 3.67 -5.21
C GLY A 390 -13.24 2.76 -6.39
N GLY A 391 -13.76 3.08 -7.58
CA GLY A 391 -13.48 2.29 -8.78
C GLY A 391 -14.48 1.23 -9.12
N VAL A 392 -15.47 1.01 -8.26
CA VAL A 392 -16.42 -0.10 -8.45
C VAL A 392 -17.87 0.40 -8.38
N ASN A 393 -18.77 -0.38 -8.99
CA ASN A 393 -20.19 -0.10 -8.93
C ASN A 393 -20.84 -0.84 -7.74
N GLU A 394 -22.17 -0.93 -7.74
CA GLU A 394 -22.91 -1.55 -6.66
C GLU A 394 -22.70 -3.06 -6.58
N LYS A 395 -22.20 -3.64 -7.66
CA LYS A 395 -21.97 -5.07 -7.75
C LYS A 395 -20.56 -5.45 -7.33
N ASN A 396 -19.79 -4.46 -6.85
CA ASN A 396 -18.36 -4.61 -6.62
C ASN A 396 -17.57 -4.99 -7.89
N LEU A 397 -17.98 -4.45 -9.02
CA LEU A 397 -17.27 -4.66 -10.27
C LEU A 397 -16.64 -3.38 -10.79
N PRO A 398 -15.46 -3.48 -11.43
CA PRO A 398 -14.77 -2.29 -11.94
C PRO A 398 -15.68 -1.51 -12.86
N ASP A 399 -15.62 -0.19 -12.76
CA ASP A 399 -16.53 0.69 -13.48
C ASP A 399 -15.81 1.98 -13.79
N GLU A 400 -15.66 2.26 -15.08
CA GLU A 400 -15.01 3.46 -15.55
C GLU A 400 -15.72 4.76 -15.16
N LYS A 401 -16.98 4.67 -14.77
CA LYS A 401 -17.71 5.87 -14.36
C LYS A 401 -17.60 6.14 -12.86
N ARG A 402 -16.88 5.28 -12.14
CA ARG A 402 -16.73 5.40 -10.69
C ARG A 402 -15.27 5.60 -10.28
N MET A 403 -14.53 6.33 -11.10
CA MET A 403 -13.12 6.61 -10.80
C MET A 403 -13.00 8.06 -10.35
N GLY A 404 -11.81 8.64 -10.41
CA GLY A 404 -11.61 10.03 -10.03
C GLY A 404 -11.72 10.27 -8.53
N GLY A 405 -11.74 9.20 -7.75
CA GLY A 405 -12.02 9.30 -6.33
C GLY A 405 -10.81 9.08 -5.45
N VAL A 406 -10.30 7.84 -5.43
CA VAL A 406 -9.21 7.51 -4.57
C VAL A 406 -7.90 7.59 -5.33
N GLY A 407 -7.03 8.50 -4.91
CA GLY A 407 -5.77 8.75 -5.55
C GLY A 407 -4.59 8.60 -4.60
N ILE A 408 -4.77 7.76 -3.58
CA ILE A 408 -3.71 7.44 -2.65
C ILE A 408 -3.61 5.94 -2.48
N VAL A 409 -2.39 5.41 -2.59
CA VAL A 409 -2.15 4.01 -2.31
C VAL A 409 -1.40 3.91 -0.99
N MET A 410 -1.85 3.04 -0.11
CA MET A 410 -1.17 2.86 1.17
C MET A 410 -0.73 1.41 1.30
N LEU A 411 0.24 1.20 2.18
CA LEU A 411 1.05 0.00 2.19
C LEU A 411 0.41 -1.18 2.93
S1 MYA B . -5.28 -2.42 9.58
C2 MYA B . -4.40 -3.90 10.08
C3 MYA B . -5.03 -4.46 11.34
N4 MYA B . -4.24 -5.56 11.80
C5 MYA B . -4.54 -6.86 11.67
O5 MYA B . -5.53 -7.25 11.08
C6 MYA B . -3.56 -7.87 12.21
C7 MYA B . -4.25 -9.11 12.72
N8 MYA B . -5.16 -8.73 13.79
C9 MYA B . -4.80 -8.25 14.98
O9 MYA B . -3.60 -8.10 15.28
C10 MYA B . -5.92 -7.92 15.92
O10 MYA B . -7.05 -8.77 15.59
C11 MYA B . -6.32 -6.44 15.92
C12 MYA B . -7.63 -6.27 16.71
C13 MYA B . -6.57 -5.95 14.50
C14 MYA B . -5.25 -5.56 16.57
N1A MYA B . -8.77 -1.23 12.72
O1A MYA B . -8.29 -5.46 21.00
P1A MYA B . -9.67 -5.92 20.57
C1X MYA B . -11.67 -2.72 16.76
C2A MYA B . -9.38 -0.46 13.65
O2A MYA B . -10.48 -6.82 21.48
P2A MYA B . -8.49 -7.69 18.75
C2M MYA B . -4.37 -1.16 10.21
O2M MYA B . -3.25 -1.37 10.61
C2X MYA B . -12.98 -3.51 16.82
O2X MYA B . -13.97 -2.96 15.96
N3A MYA B . -10.12 -1.00 14.63
O3A MYA B . -9.62 -6.63 19.13
C3M MYA B . -5.00 0.18 10.39
C3X MYA B . -13.40 -3.33 18.23
O3X MYA B . -13.96 -2.05 18.29
P3X MYA B . -15.28 -1.69 19.15
C4A MYA B . -10.21 -2.36 14.74
O4A MYA B . -7.83 -8.26 19.98
C4M MYA B . -5.41 0.39 11.86
C4X MYA B . -12.08 -3.31 18.99
O4X MYA B . -11.06 -2.95 18.04
C5A MYA B . -9.56 -3.17 13.82
O5A MYA B . -9.10 -8.62 17.71
C5M MYA B . -6.04 1.77 12.06
C5X MYA B . -11.79 -4.66 19.63
O5X MYA B . -10.47 -4.59 20.16
C6A MYA B . -8.83 -2.59 12.80
N6A MYA B . -8.20 -3.33 11.86
O6A MYA B . -7.40 -6.72 18.04
C6M MYA B . -6.38 2.04 13.50
N7A MYA B . -9.85 -4.45 14.14
O7A MYA B . -14.83 -1.18 20.57
C7M MYA B . -7.21 3.30 13.71
C8A MYA B . -10.62 -4.43 15.26
O8A MYA B . -16.15 -3.02 19.25
C8M MYA B . -6.36 4.55 13.71
N9A MYA B . -10.85 -3.16 15.61
O9A MYA B . -16.02 -0.51 18.32
C9M MYA B . -7.16 5.78 14.10
CAM MYA B . -6.27 7.04 14.06
CBM MYA B . -5.21 7.06 15.15
CCM MYA B . -4.27 8.23 14.89
CDM MYA B . -5.04 9.56 15.06
CEM MYA B . -4.09 10.74 15.00
CFM MYA B . -4.79 12.05 15.10
CAO 75T C . -2.35 -3.57 0.24
CAM 75T C . -2.27 -2.61 1.44
NAS 75T C . -2.58 -3.31 2.71
CAN 75T C . -3.91 -3.91 2.64
CAP 75T C . -3.96 -4.93 1.50
CBA 75T C . -3.73 -4.18 0.21
CAX 75T C . -3.82 -5.12 -0.98
CAL 75T C . -3.95 -6.49 -0.75
CAF 75T C . -3.73 -4.62 -2.28
CAC 75T C . -3.82 -5.49 -3.36
CAE 75T C . -3.97 -6.84 -3.13
CAW 75T C . -4.00 -7.35 -1.82
CAV 75T C . -4.13 -8.71 -1.64
CAK 75T C . -4.88 -9.25 -0.60
CAI 75T C . -5.01 -10.65 -0.54
CAJ 75T C . -3.56 -9.54 -2.60
CAH 75T C . -3.68 -10.91 -2.51
CAU 75T C . -4.41 -11.48 -1.46
OAT 75T C . -4.53 -12.86 -1.40
CAQ 75T C . -4.73 -13.36 -0.05
CAZ 75T C . -3.83 -13.02 0.96
CAG 75T C . -4.33 -12.47 2.13
CAB 75T C . -3.41 -12.13 3.14
CAD 75T C . -2.07 -12.31 2.94
NAR 75T C . -1.60 -12.83 1.79
CAY 75T C . -2.44 -13.19 0.80
CAA 75T C . -1.84 -13.80 -0.45
#